data_2NDN
#
_entry.id   2NDN
#
_entity_poly.entity_id   1
_entity_poly.type   'polypeptide(L)'
_entity_poly.pdbx_seq_one_letter_code
;GICFKDPFGSTLCAPD
;
_entity_poly.pdbx_strand_id   A
#
# COMPACT_ATOMS: atom_id res chain seq x y z
N GLY A 1 -2.03 -8.07 -5.67
CA GLY A 1 -3.22 -8.19 -4.85
C GLY A 1 -2.99 -7.74 -3.42
N ILE A 2 -1.73 -7.68 -3.02
CA ILE A 2 -1.38 -7.25 -1.66
C ILE A 2 -1.29 -5.73 -1.57
N CYS A 3 -1.74 -5.19 -0.45
CA CYS A 3 -1.71 -3.75 -0.23
C CYS A 3 -0.87 -3.40 0.98
N PHE A 4 0.00 -2.39 0.83
CA PHE A 4 0.86 -1.97 1.92
C PHE A 4 0.62 -0.50 2.26
N LYS A 5 0.50 -0.21 3.55
CA LYS A 5 0.26 1.15 4.02
C LYS A 5 1.53 1.75 4.59
N ASP A 6 1.81 3.01 4.25
CA ASP A 6 2.99 3.71 4.73
C ASP A 6 2.70 4.41 6.04
N PRO A 7 3.77 4.74 6.78
CA PRO A 7 3.65 5.43 8.08
C PRO A 7 3.19 6.86 7.93
N PHE A 8 3.42 7.44 6.76
CA PHE A 8 3.03 8.82 6.49
C PHE A 8 1.52 8.92 6.27
N GLY A 9 0.90 7.80 5.91
CA GLY A 9 -0.53 7.78 5.68
C GLY A 9 -0.88 7.65 4.20
N SER A 10 0.10 7.22 3.40
CA SER A 10 -0.11 7.05 1.97
C SER A 10 -0.66 5.66 1.67
N THR A 11 -1.73 5.62 0.88
CA THR A 11 -2.36 4.35 0.51
C THR A 11 -1.86 3.87 -0.85
N LEU A 12 -1.13 2.76 -0.85
CA LEU A 12 -0.59 2.19 -2.08
C LEU A 12 -0.86 0.69 -2.14
N CYS A 13 -1.20 0.21 -3.34
CA CYS A 13 -1.48 -1.20 -3.54
C CYS A 13 -0.52 -1.80 -4.58
N ALA A 14 -0.22 -3.09 -4.41
CA ALA A 14 0.69 -3.78 -5.32
C ALA A 14 -0.09 -4.49 -6.43
N PRO A 15 0.61 -4.81 -7.53
CA PRO A 15 0.01 -5.49 -8.67
C PRO A 15 -0.36 -6.93 -8.36
N ASP A 16 0.22 -7.47 -7.30
CA ASP A 16 -0.05 -8.85 -6.89
C ASP A 16 -1.51 -9.02 -6.48
N GLY A 1 -1.74 -8.05 -5.69
CA GLY A 1 -2.83 -8.20 -4.73
C GLY A 1 -2.39 -7.90 -3.31
N ILE A 2 -1.23 -7.26 -3.17
CA ILE A 2 -0.70 -6.92 -1.85
C ILE A 2 -0.99 -5.47 -1.51
N CYS A 3 -1.75 -5.27 -0.44
CA CYS A 3 -2.11 -3.92 0.01
C CYS A 3 -1.50 -3.62 1.37
N PHE A 4 -0.81 -2.49 1.48
CA PHE A 4 -0.18 -2.09 2.73
C PHE A 4 -0.22 -0.58 2.89
N LYS A 5 -0.36 -0.13 4.13
CA LYS A 5 -0.40 1.30 4.43
C LYS A 5 0.98 1.83 4.78
N ASP A 6 1.43 2.84 4.05
CA ASP A 6 2.74 3.44 4.28
C ASP A 6 2.76 4.21 5.60
N PRO A 7 3.97 4.45 6.13
CA PRO A 7 4.15 5.17 7.40
C PRO A 7 3.79 6.64 7.28
N PHE A 8 3.77 7.15 6.05
CA PHE A 8 3.45 8.55 5.80
C PHE A 8 1.94 8.78 5.92
N GLY A 9 1.17 7.71 5.74
CA GLY A 9 -0.28 7.82 5.81
C GLY A 9 -0.95 7.56 4.49
N SER A 10 -0.19 7.68 3.41
CA SER A 10 -0.72 7.47 2.06
C SER A 10 -1.02 5.99 1.83
N THR A 11 -1.98 5.72 0.96
CA THR A 11 -2.37 4.35 0.65
C THR A 11 -1.69 3.86 -0.63
N LEU A 12 -1.06 2.69 -0.55
CA LEU A 12 -0.37 2.12 -1.69
C LEU A 12 -0.72 0.64 -1.85
N CYS A 13 -0.81 0.18 -3.09
CA CYS A 13 -1.13 -1.21 -3.38
C CYS A 13 -0.21 -1.77 -4.46
N ALA A 14 -0.05 -3.09 -4.47
CA ALA A 14 0.81 -3.74 -5.45
C ALA A 14 -0.03 -4.42 -6.54
N PRO A 15 0.61 -4.69 -7.68
CA PRO A 15 -0.07 -5.34 -8.82
C PRO A 15 -0.40 -6.80 -8.54
N ASP A 16 0.28 -7.38 -7.57
CA ASP A 16 0.05 -8.77 -7.20
C ASP A 16 -1.35 -8.95 -6.61
N GLY A 1 -2.34 -7.84 -5.76
CA GLY A 1 -3.34 -8.00 -4.72
C GLY A 1 -2.82 -7.61 -3.35
N ILE A 2 -1.50 -7.55 -3.21
CA ILE A 2 -0.88 -7.19 -1.94
C ILE A 2 -0.96 -5.69 -1.70
N CYS A 3 -1.16 -5.30 -0.45
CA CYS A 3 -1.25 -3.89 -0.09
C CYS A 3 -0.42 -3.59 1.16
N PHE A 4 -0.08 -2.31 1.34
CA PHE A 4 0.70 -1.90 2.48
C PHE A 4 0.18 -0.59 3.07
N LYS A 5 0.62 -0.27 4.27
CA LYS A 5 0.19 0.95 4.94
C LYS A 5 1.39 1.68 5.56
N ASP A 6 1.81 2.76 4.90
CA ASP A 6 2.94 3.55 5.38
C ASP A 6 2.49 4.56 6.44
N PRO A 7 3.45 5.05 7.24
CA PRO A 7 3.18 6.03 8.29
C PRO A 7 2.80 7.40 7.74
N PHE A 8 3.08 7.60 6.45
CA PHE A 8 2.78 8.87 5.80
C PHE A 8 1.29 8.97 5.47
N GLY A 9 0.64 7.81 5.38
CA GLY A 9 -0.78 7.79 5.06
C GLY A 9 -1.05 7.27 3.65
N SER A 10 -0.10 7.50 2.75
CA SER A 10 -0.26 7.05 1.37
C SER A 10 -0.46 5.55 1.30
N THR A 11 -1.54 5.14 0.61
CA THR A 11 -1.85 3.72 0.47
C THR A 11 -1.08 3.11 -0.69
N LEU A 12 -0.15 2.22 -0.35
CA LEU A 12 0.67 1.55 -1.37
C LEU A 12 0.09 0.18 -1.71
N CYS A 13 -0.47 0.07 -2.92
CA CYS A 13 -1.06 -1.19 -3.37
C CYS A 13 -0.33 -1.71 -4.59
N ALA A 14 -0.13 -3.03 -4.64
CA ALA A 14 0.56 -3.67 -5.75
C ALA A 14 -0.44 -4.28 -6.73
N PRO A 15 0.02 -4.53 -7.97
CA PRO A 15 -0.82 -5.12 -9.02
C PRO A 15 -1.16 -6.58 -8.74
N ASP A 16 -0.46 -7.17 -7.78
CA ASP A 16 -0.68 -8.56 -7.41
C ASP A 16 -2.03 -8.73 -6.72
N GLY A 1 -2.23 -8.02 -5.52
CA GLY A 1 -3.19 -8.11 -4.43
C GLY A 1 -2.56 -7.78 -3.09
N ILE A 2 -1.34 -7.25 -3.12
CA ILE A 2 -0.63 -6.90 -1.90
C ILE A 2 -0.73 -5.40 -1.62
N CYS A 3 -1.39 -5.06 -0.51
CA CYS A 3 -1.55 -3.66 -0.13
C CYS A 3 -0.64 -3.30 1.04
N PHE A 4 -0.08 -2.10 0.98
CA PHE A 4 0.83 -1.64 2.03
C PHE A 4 0.24 -0.43 2.77
N LYS A 5 0.77 -0.14 3.94
CA LYS A 5 0.30 0.99 4.74
C LYS A 5 1.47 1.78 5.31
N ASP A 6 1.81 2.89 4.67
CA ASP A 6 2.90 3.73 5.11
C ASP A 6 2.52 4.52 6.36
N PRO A 7 3.53 4.99 7.10
CA PRO A 7 3.32 5.77 8.32
C PRO A 7 2.73 7.15 8.05
N PHE A 8 3.02 7.68 6.87
CA PHE A 8 2.51 9.00 6.49
C PHE A 8 1.04 8.93 6.11
N GLY A 9 0.58 7.74 5.76
CA GLY A 9 -0.81 7.55 5.37
C GLY A 9 -0.97 7.16 3.92
N SER A 10 0.08 7.38 3.13
CA SER A 10 0.05 7.05 1.72
C SER A 10 -0.30 5.59 1.50
N THR A 11 -1.29 5.34 0.65
CA THR A 11 -1.72 3.97 0.35
C THR A 11 -1.06 3.45 -0.91
N LEU A 12 -0.31 2.36 -0.77
CA LEU A 12 0.37 1.76 -1.92
C LEU A 12 -0.08 0.32 -2.12
N CYS A 13 -0.71 0.07 -3.26
CA CYS A 13 -1.20 -1.27 -3.59
C CYS A 13 -0.43 -1.86 -4.77
N ALA A 14 -0.26 -3.18 -4.75
CA ALA A 14 0.45 -3.87 -5.82
C ALA A 14 -0.52 -4.53 -6.79
N PRO A 15 -0.01 -4.84 -7.99
CA PRO A 15 -0.82 -5.49 -9.04
C PRO A 15 -1.16 -6.93 -8.70
N ASP A 16 -0.49 -7.47 -7.68
CA ASP A 16 -0.72 -8.85 -7.26
C ASP A 16 -2.02 -8.97 -6.47
N GLY A 1 -1.38 -8.00 -5.45
CA GLY A 1 -2.67 -7.93 -4.77
C GLY A 1 -2.52 -7.68 -3.28
N ILE A 2 -1.32 -7.30 -2.86
CA ILE A 2 -1.05 -7.03 -1.46
C ILE A 2 -1.09 -5.54 -1.16
N CYS A 3 -2.04 -5.13 -0.32
CA CYS A 3 -2.18 -3.73 0.04
C CYS A 3 -1.48 -3.43 1.36
N PHE A 4 -0.52 -2.50 1.33
CA PHE A 4 0.22 -2.13 2.52
C PHE A 4 -0.05 -0.68 2.90
N LYS A 5 0.10 -0.37 4.18
CA LYS A 5 -0.13 0.98 4.68
C LYS A 5 1.18 1.62 5.12
N ASP A 6 1.78 2.40 4.23
CA ASP A 6 3.04 3.09 4.52
C ASP A 6 2.90 3.96 5.77
N PRO A 7 4.05 4.27 6.40
CA PRO A 7 4.08 5.10 7.61
C PRO A 7 3.74 6.56 7.32
N PHE A 8 3.75 6.91 6.04
CA PHE A 8 3.44 8.28 5.63
C PHE A 8 1.94 8.54 5.70
N GLY A 9 1.15 7.47 5.65
CA GLY A 9 -0.29 7.61 5.71
C GLY A 9 -0.91 7.72 4.33
N SER A 10 -0.19 7.26 3.32
CA SER A 10 -0.68 7.32 1.95
C SER A 10 -1.26 5.97 1.52
N THR A 11 -2.21 6.01 0.60
CA THR A 11 -2.85 4.78 0.10
C THR A 11 -2.12 4.23 -1.11
N LEU A 12 -1.48 3.08 -0.94
CA LEU A 12 -0.75 2.43 -2.03
C LEU A 12 -1.02 0.94 -2.07
N CYS A 13 -1.02 0.37 -3.27
CA CYS A 13 -1.27 -1.05 -3.45
C CYS A 13 -0.33 -1.64 -4.50
N ALA A 14 -0.08 -2.94 -4.40
CA ALA A 14 0.80 -3.62 -5.34
C ALA A 14 -0.01 -4.32 -6.42
N PRO A 15 0.66 -4.63 -7.55
CA PRO A 15 0.03 -5.30 -8.68
C PRO A 15 -0.31 -6.77 -8.38
N ASP A 16 0.48 -7.38 -7.51
CA ASP A 16 0.25 -8.78 -7.13
C ASP A 16 -1.09 -8.93 -6.41
N GLY A 1 -1.70 -7.93 -5.77
CA GLY A 1 -2.83 -8.04 -4.85
C GLY A 1 -2.43 -7.78 -3.41
N ILE A 2 -1.28 -7.14 -3.22
CA ILE A 2 -0.79 -6.84 -1.88
C ILE A 2 -1.07 -5.39 -1.52
N CYS A 3 -1.77 -5.19 -0.40
CA CYS A 3 -2.11 -3.85 0.05
C CYS A 3 -1.57 -3.61 1.46
N PHE A 4 -0.82 -2.52 1.63
CA PHE A 4 -0.26 -2.19 2.94
C PHE A 4 -0.27 -0.68 3.15
N LYS A 5 -0.49 -0.27 4.40
CA LYS A 5 -0.53 1.15 4.74
C LYS A 5 0.87 1.68 5.04
N ASP A 6 1.42 2.45 4.11
CA ASP A 6 2.74 3.03 4.28
C ASP A 6 2.80 3.92 5.51
N PRO A 7 4.03 4.17 6.00
CA PRO A 7 4.25 5.02 7.19
C PRO A 7 3.95 6.49 6.91
N PHE A 8 3.87 6.84 5.64
CA PHE A 8 3.59 8.22 5.24
C PHE A 8 2.12 8.56 5.44
N GLY A 9 1.28 7.52 5.48
CA GLY A 9 -0.14 7.72 5.67
C GLY A 9 -0.94 7.43 4.41
N SER A 10 -0.36 7.77 3.26
CA SER A 10 -1.04 7.55 1.99
C SER A 10 -1.33 6.06 1.77
N THR A 11 -2.25 5.78 0.86
CA THR A 11 -2.63 4.40 0.57
C THR A 11 -1.91 3.90 -0.68
N LEU A 12 -1.09 2.86 -0.51
CA LEU A 12 -0.35 2.29 -1.63
C LEU A 12 -0.68 0.80 -1.79
N CYS A 13 -0.82 0.37 -3.03
CA CYS A 13 -1.13 -1.03 -3.33
C CYS A 13 -0.20 -1.58 -4.39
N ALA A 14 -0.04 -2.90 -4.40
CA ALA A 14 0.83 -3.56 -5.37
C ALA A 14 0.02 -4.27 -6.44
N PRO A 15 0.65 -4.55 -7.59
CA PRO A 15 0.01 -5.23 -8.71
C PRO A 15 -0.31 -6.70 -8.40
N ASP A 16 0.44 -7.26 -7.46
CA ASP A 16 0.24 -8.66 -7.08
C ASP A 16 -0.64 -8.76 -5.82
N GLY A 1 -1.86 -7.63 -5.79
CA GLY A 1 -3.06 -7.75 -4.99
C GLY A 1 -2.81 -7.48 -3.51
N ILE A 2 -1.55 -7.56 -3.11
CA ILE A 2 -1.18 -7.33 -1.71
C ILE A 2 -1.23 -5.84 -1.37
N CYS A 3 -2.11 -5.48 -0.45
CA CYS A 3 -2.25 -4.09 -0.04
C CYS A 3 -1.55 -3.84 1.30
N PHE A 4 -0.74 -2.80 1.35
CA PHE A 4 0.00 -2.45 2.56
C PHE A 4 -0.12 -0.96 2.86
N LYS A 5 0.06 -0.60 4.12
CA LYS A 5 -0.03 0.79 4.55
C LYS A 5 1.37 1.39 4.73
N ASP A 6 1.57 2.57 4.17
CA ASP A 6 2.85 3.26 4.27
C ASP A 6 2.90 4.13 5.53
N PRO A 7 4.13 4.48 5.95
CA PRO A 7 4.34 5.31 7.14
C PRO A 7 3.89 6.76 6.92
N PHE A 8 3.75 7.14 5.67
CA PHE A 8 3.33 8.49 5.32
C PHE A 8 1.82 8.66 5.50
N GLY A 9 1.11 7.54 5.47
CA GLY A 9 -0.34 7.57 5.64
C GLY A 9 -1.08 7.37 4.33
N SER A 10 -0.39 7.63 3.21
CA SER A 10 -0.98 7.47 1.89
C SER A 10 -1.33 6.01 1.63
N THR A 11 -2.30 5.80 0.73
CA THR A 11 -2.72 4.45 0.38
C THR A 11 -1.97 3.93 -0.84
N LEU A 12 -1.12 2.91 -0.61
CA LEU A 12 -0.34 2.33 -1.69
C LEU A 12 -0.49 0.81 -1.71
N CYS A 13 -0.98 0.28 -2.83
CA CYS A 13 -1.16 -1.16 -2.97
C CYS A 13 -0.21 -1.73 -4.02
N ALA A 14 0.16 -3.00 -3.85
CA ALA A 14 1.06 -3.65 -4.79
C ALA A 14 0.30 -4.14 -6.02
N PRO A 15 1.04 -4.39 -7.11
CA PRO A 15 0.47 -4.86 -8.38
C PRO A 15 -0.05 -6.29 -8.28
N ASP A 16 0.47 -7.03 -7.30
CA ASP A 16 0.05 -8.42 -7.10
C ASP A 16 -1.42 -8.50 -6.72
N GLY A 1 -1.72 -7.89 -5.85
CA GLY A 1 -2.97 -8.03 -5.12
C GLY A 1 -2.84 -7.65 -3.66
N ILE A 2 -1.61 -7.64 -3.16
CA ILE A 2 -1.34 -7.29 -1.78
C ILE A 2 -1.50 -5.80 -1.54
N CYS A 3 -1.92 -5.43 -0.34
CA CYS A 3 -2.12 -4.03 0.02
C CYS A 3 -1.40 -3.69 1.32
N PHE A 4 -0.73 -2.54 1.33
CA PHE A 4 0.00 -2.10 2.51
C PHE A 4 0.01 -0.58 2.62
N LYS A 5 -0.29 -0.08 3.81
CA LYS A 5 -0.32 1.37 4.05
C LYS A 5 1.06 1.88 4.46
N ASP A 6 1.52 2.93 3.78
CA ASP A 6 2.82 3.52 4.07
C ASP A 6 2.80 4.23 5.42
N PRO A 7 4.00 4.46 5.98
CA PRO A 7 4.14 5.14 7.28
C PRO A 7 3.79 6.61 7.20
N PHE A 8 3.78 7.16 5.98
CA PHE A 8 3.46 8.56 5.78
C PHE A 8 1.96 8.81 5.92
N GLY A 9 1.17 7.75 5.75
CA GLY A 9 -0.27 7.86 5.87
C GLY A 9 -0.98 7.59 4.55
N SER A 10 -0.25 7.70 3.45
CA SER A 10 -0.81 7.47 2.13
C SER A 10 -1.07 5.98 1.90
N THR A 11 -2.11 5.68 1.12
CA THR A 11 -2.46 4.30 0.83
C THR A 11 -1.77 3.81 -0.44
N LEU A 12 -1.14 2.64 -0.36
CA LEU A 12 -0.44 2.07 -1.50
C LEU A 12 -0.79 0.59 -1.68
N CYS A 13 -0.81 0.14 -2.93
CA CYS A 13 -1.13 -1.25 -3.23
C CYS A 13 -0.22 -1.80 -4.32
N ALA A 14 0.10 -3.07 -4.23
CA ALA A 14 0.96 -3.72 -5.22
C ALA A 14 0.13 -4.33 -6.35
N PRO A 15 0.80 -4.59 -7.49
CA PRO A 15 0.14 -5.18 -8.66
C PRO A 15 -0.25 -6.64 -8.44
N ASP A 16 0.45 -7.30 -7.52
CA ASP A 16 0.17 -8.70 -7.21
C ASP A 16 -0.75 -8.81 -6.00
N GLY A 1 -2.30 -8.12 -5.55
CA GLY A 1 -3.27 -8.23 -4.47
C GLY A 1 -2.73 -7.75 -3.14
N ILE A 2 -1.40 -7.68 -3.04
CA ILE A 2 -0.75 -7.21 -1.82
C ILE A 2 -0.78 -5.70 -1.71
N CYS A 3 -1.05 -5.20 -0.51
CA CYS A 3 -1.10 -3.76 -0.27
C CYS A 3 -0.11 -3.35 0.81
N PHE A 4 0.22 -2.06 0.84
CA PHE A 4 1.17 -1.54 1.83
C PHE A 4 0.62 -0.29 2.50
N LYS A 5 0.80 -0.21 3.81
CA LYS A 5 0.32 0.94 4.58
C LYS A 5 1.47 1.63 5.32
N ASP A 6 1.84 2.81 4.86
CA ASP A 6 2.92 3.57 5.48
C ASP A 6 2.40 4.45 6.59
N PRO A 7 3.30 4.88 7.49
CA PRO A 7 2.95 5.74 8.62
C PRO A 7 2.58 7.15 8.18
N PHE A 8 2.98 7.52 6.96
CA PHE A 8 2.69 8.84 6.43
C PHE A 8 1.23 8.95 6.00
N GLY A 9 0.61 7.80 5.74
CA GLY A 9 -0.78 7.78 5.32
C GLY A 9 -0.94 7.43 3.86
N SER A 10 0.16 7.49 3.11
CA SER A 10 0.14 7.19 1.68
C SER A 10 -0.40 5.78 1.43
N THR A 11 -1.32 5.67 0.48
CA THR A 11 -1.91 4.38 0.15
C THR A 11 -1.17 3.72 -1.01
N LEU A 12 -0.56 2.58 -0.74
CA LEU A 12 0.18 1.84 -1.76
C LEU A 12 -0.43 0.45 -1.98
N CYS A 13 -0.57 0.08 -3.25
CA CYS A 13 -1.14 -1.22 -3.60
C CYS A 13 -0.42 -1.82 -4.80
N ALA A 14 -0.26 -3.13 -4.79
CA ALA A 14 0.41 -3.83 -5.89
C ALA A 14 -0.60 -4.55 -6.78
N PRO A 15 -0.18 -4.86 -8.01
CA PRO A 15 -1.03 -5.56 -8.99
C PRO A 15 -1.30 -7.01 -8.59
N ASP A 16 -0.51 -7.52 -7.67
CA ASP A 16 -0.67 -8.90 -7.20
C ASP A 16 -1.99 -9.07 -6.45
N GLY A 1 -1.70 -8.14 -5.64
CA GLY A 1 -2.79 -8.31 -4.69
C GLY A 1 -2.38 -7.93 -3.28
N ILE A 2 -1.25 -7.24 -3.15
CA ILE A 2 -0.76 -6.82 -1.85
C ILE A 2 -1.11 -5.36 -1.58
N CYS A 3 -1.67 -5.10 -0.40
CA CYS A 3 -2.05 -3.75 -0.02
C CYS A 3 -1.55 -3.41 1.38
N PHE A 4 -0.74 -2.37 1.48
CA PHE A 4 -0.18 -1.94 2.76
C PHE A 4 -0.25 -0.42 2.91
N LYS A 5 -0.37 0.04 4.15
CA LYS A 5 -0.43 1.47 4.43
C LYS A 5 0.93 2.01 4.84
N ASP A 6 1.51 2.86 4.00
CA ASP A 6 2.80 3.46 4.29
C ASP A 6 2.79 4.19 5.62
N PRO A 7 3.98 4.43 6.19
CA PRO A 7 4.13 5.13 7.47
C PRO A 7 3.78 6.61 7.36
N PHE A 8 3.74 7.12 6.14
CA PHE A 8 3.42 8.52 5.90
C PHE A 8 1.91 8.77 6.00
N GLY A 9 1.14 7.69 5.82
CA GLY A 9 -0.30 7.81 5.89
C GLY A 9 -0.97 7.50 4.57
N SER A 10 -0.24 7.67 3.47
CA SER A 10 -0.77 7.42 2.14
C SER A 10 -1.00 5.93 1.93
N THR A 11 -1.89 5.60 0.99
CA THR A 11 -2.20 4.21 0.69
C THR A 11 -1.53 3.76 -0.60
N LEU A 12 -0.96 2.55 -0.59
CA LEU A 12 -0.28 2.00 -1.76
C LEU A 12 -0.67 0.55 -1.99
N CYS A 13 -0.90 0.18 -3.24
CA CYS A 13 -1.26 -1.18 -3.59
C CYS A 13 -0.36 -1.73 -4.68
N ALA A 14 -0.13 -3.04 -4.64
CA ALA A 14 0.73 -3.69 -5.63
C ALA A 14 -0.10 -4.47 -6.65
N PRO A 15 0.51 -4.75 -7.81
CA PRO A 15 -0.16 -5.49 -8.89
C PRO A 15 -0.40 -6.95 -8.54
N ASP A 16 0.30 -7.43 -7.52
CA ASP A 16 0.17 -8.81 -7.08
C ASP A 16 -1.22 -9.07 -6.50
N GLY A 1 -2.10 -7.81 -5.57
CA GLY A 1 -2.98 -7.91 -4.43
C GLY A 1 -2.29 -7.52 -3.13
N ILE A 2 -0.97 -7.51 -3.14
CA ILE A 2 -0.20 -7.13 -1.97
C ILE A 2 -0.43 -5.67 -1.60
N CYS A 3 -1.01 -5.45 -0.43
CA CYS A 3 -1.29 -4.09 0.04
C CYS A 3 -0.76 -3.89 1.45
N PHE A 4 -0.16 -2.72 1.69
CA PHE A 4 0.39 -2.40 3.01
C PHE A 4 0.24 -0.91 3.31
N LYS A 5 -0.13 -0.61 4.54
CA LYS A 5 -0.30 0.78 4.97
C LYS A 5 1.03 1.40 5.40
N ASP A 6 1.40 2.49 4.76
CA ASP A 6 2.65 3.17 5.08
C ASP A 6 2.44 4.21 6.19
N PRO A 7 3.52 4.54 6.89
CA PRO A 7 3.49 5.52 7.99
C PRO A 7 3.25 6.94 7.48
N PHE A 8 3.43 7.13 6.18
CA PHE A 8 3.24 8.46 5.57
C PHE A 8 1.76 8.78 5.44
N GLY A 9 0.93 7.75 5.45
CA GLY A 9 -0.51 7.95 5.33
C GLY A 9 -1.02 7.69 3.93
N SER A 10 -0.13 7.81 2.95
CA SER A 10 -0.50 7.59 1.55
C SER A 10 -0.91 6.15 1.32
N THR A 11 -1.78 5.94 0.32
CA THR A 11 -2.26 4.60 -0.01
C THR A 11 -1.40 3.96 -1.09
N LEU A 12 -0.80 2.82 -0.77
CA LEU A 12 0.05 2.10 -1.72
C LEU A 12 -0.39 0.65 -1.84
N CYS A 13 -0.56 0.19 -3.08
CA CYS A 13 -0.97 -1.18 -3.34
C CYS A 13 -0.23 -1.76 -4.53
N ALA A 14 -0.06 -3.08 -4.54
CA ALA A 14 0.64 -3.76 -5.63
C ALA A 14 -0.34 -4.31 -6.65
N PRO A 15 0.16 -4.59 -7.86
CA PRO A 15 -0.66 -5.13 -8.95
C PRO A 15 -1.08 -6.57 -8.70
N ASP A 16 -0.40 -7.22 -7.77
CA ASP A 16 -0.72 -8.61 -7.44
C ASP A 16 -1.98 -8.69 -6.59
N GLY A 1 -2.43 -8.09 -5.41
CA GLY A 1 -3.28 -8.00 -4.24
C GLY A 1 -2.50 -7.70 -2.97
N ILE A 2 -1.29 -7.16 -3.14
CA ILE A 2 -0.44 -6.82 -2.01
C ILE A 2 -0.51 -5.33 -1.69
N CYS A 3 -1.13 -5.00 -0.56
CA CYS A 3 -1.27 -3.61 -0.15
C CYS A 3 -0.28 -3.28 0.97
N PHE A 4 0.28 -2.07 0.92
CA PHE A 4 1.24 -1.64 1.93
C PHE A 4 0.68 -0.47 2.74
N LYS A 5 0.88 -0.52 4.05
CA LYS A 5 0.40 0.53 4.94
C LYS A 5 1.56 1.28 5.58
N ASP A 6 1.91 2.43 5.00
CA ASP A 6 3.01 3.24 5.50
C ASP A 6 2.52 4.15 6.63
N PRO A 7 3.47 4.65 7.44
CA PRO A 7 3.17 5.54 8.56
C PRO A 7 2.70 6.92 8.10
N PHE A 8 3.02 7.26 6.86
CA PHE A 8 2.65 8.55 6.29
C PHE A 8 1.16 8.57 5.94
N GLY A 9 0.58 7.38 5.75
CA GLY A 9 -0.83 7.29 5.42
C GLY A 9 -1.07 7.42 3.93
N SER A 10 -0.06 7.10 3.14
CA SER A 10 -0.17 7.18 1.68
C SER A 10 -0.87 5.96 1.12
N THR A 11 -1.41 6.09 -0.10
CA THR A 11 -2.11 5.00 -0.74
C THR A 11 -1.19 4.23 -1.69
N LEU A 12 -0.80 3.03 -1.29
CA LEU A 12 0.09 2.20 -2.12
C LEU A 12 -0.44 0.76 -2.19
N CYS A 13 -0.60 0.27 -3.40
CA CYS A 13 -1.08 -1.09 -3.61
C CYS A 13 -0.41 -1.73 -4.82
N ALA A 14 -0.24 -3.04 -4.78
CA ALA A 14 0.39 -3.78 -5.87
C ALA A 14 -0.65 -4.54 -6.69
N PRO A 15 -0.28 -4.91 -7.92
CA PRO A 15 -1.16 -5.66 -8.82
C PRO A 15 -1.38 -7.09 -8.35
N ASP A 16 -0.55 -7.55 -7.43
CA ASP A 16 -0.66 -8.90 -6.90
C ASP A 16 -1.35 -8.90 -5.54
N GLY A 1 -2.22 -8.02 -5.81
CA GLY A 1 -3.33 -8.09 -4.87
C GLY A 1 -2.91 -7.80 -3.44
N ILE A 2 -1.64 -7.46 -3.27
CA ILE A 2 -1.12 -7.15 -1.94
C ILE A 2 -1.04 -5.64 -1.71
N CYS A 3 -1.63 -5.19 -0.61
CA CYS A 3 -1.64 -3.77 -0.27
C CYS A 3 -0.73 -3.50 0.93
N PHE A 4 -0.31 -2.24 1.07
CA PHE A 4 0.55 -1.85 2.18
C PHE A 4 0.09 -0.53 2.78
N LYS A 5 0.64 -0.19 3.95
CA LYS A 5 0.29 1.04 4.63
C LYS A 5 1.54 1.76 5.15
N ASP A 6 1.81 2.94 4.61
CA ASP A 6 2.97 3.71 5.01
C ASP A 6 2.64 4.61 6.20
N PRO A 7 3.67 4.99 6.97
CA PRO A 7 3.51 5.85 8.15
C PRO A 7 3.13 7.28 7.78
N PHE A 8 3.32 7.63 6.51
CA PHE A 8 3.00 8.97 6.02
C PHE A 8 1.49 9.14 5.86
N GLY A 9 0.78 8.02 5.74
CA GLY A 9 -0.66 8.07 5.57
C GLY A 9 -1.11 7.60 4.21
N SER A 10 -0.22 7.70 3.23
CA SER A 10 -0.53 7.29 1.86
C SER A 10 -0.71 5.78 1.78
N THR A 11 -1.65 5.33 0.95
CA THR A 11 -1.91 3.92 0.78
C THR A 11 -1.24 3.38 -0.47
N LEU A 12 -0.57 2.25 -0.34
CA LEU A 12 0.13 1.63 -1.47
C LEU A 12 -0.50 0.28 -1.81
N CYS A 13 -0.49 -0.06 -3.10
CA CYS A 13 -1.06 -1.32 -3.56
C CYS A 13 -0.21 -1.92 -4.68
N ALA A 14 -0.08 -3.25 -4.67
CA ALA A 14 0.70 -3.94 -5.68
C ALA A 14 -0.19 -4.56 -6.74
N PRO A 15 0.38 -4.88 -7.91
CA PRO A 15 -0.35 -5.47 -9.02
C PRO A 15 -0.75 -6.91 -8.74
N ASP A 16 -0.18 -7.49 -7.70
CA ASP A 16 -0.48 -8.86 -7.31
C ASP A 16 -1.88 -8.97 -6.71
N GLY A 1 -2.25 -8.05 -5.62
CA GLY A 1 -3.19 -8.22 -4.52
C GLY A 1 -2.60 -7.79 -3.19
N ILE A 2 -1.27 -7.70 -3.13
CA ILE A 2 -0.58 -7.30 -1.92
C ILE A 2 -0.67 -5.79 -1.71
N CYS A 3 -1.03 -5.38 -0.49
CA CYS A 3 -1.15 -3.97 -0.16
C CYS A 3 -0.22 -3.60 0.98
N PHE A 4 0.17 -2.33 1.03
CA PHE A 4 1.07 -1.84 2.07
C PHE A 4 0.44 -0.67 2.83
N LYS A 5 0.78 -0.54 4.10
CA LYS A 5 0.26 0.53 4.93
C LYS A 5 1.38 1.42 5.45
N ASP A 6 1.58 2.55 4.79
CA ASP A 6 2.63 3.49 5.18
C ASP A 6 2.12 4.44 6.25
N PRO A 7 2.95 4.70 7.27
CA PRO A 7 2.61 5.60 8.37
C PRO A 7 2.55 7.07 7.94
N PHE A 8 3.01 7.33 6.72
CA PHE A 8 3.01 8.68 6.18
C PHE A 8 1.60 9.11 5.77
N GLY A 9 0.74 8.12 5.52
CA GLY A 9 -0.63 8.41 5.12
C GLY A 9 -0.93 7.93 3.71
N SER A 10 0.08 7.96 2.85
CA SER A 10 -0.09 7.53 1.46
C SER A 10 -0.31 6.02 1.38
N THR A 11 -1.42 5.63 0.75
CA THR A 11 -1.75 4.22 0.60
C THR A 11 -1.14 3.64 -0.67
N LEU A 12 -0.40 2.56 -0.53
CA LEU A 12 0.24 1.90 -1.67
C LEU A 12 -0.29 0.48 -1.84
N CYS A 13 -0.52 0.09 -3.09
CA CYS A 13 -1.02 -1.25 -3.41
C CYS A 13 -0.38 -1.79 -4.68
N ALA A 14 -0.13 -3.09 -4.70
CA ALA A 14 0.47 -3.74 -5.86
C ALA A 14 -0.58 -4.41 -6.73
N PRO A 15 -0.22 -4.67 -7.99
CA PRO A 15 -1.12 -5.32 -8.95
C PRO A 15 -1.39 -6.78 -8.61
N ASP A 16 -0.53 -7.35 -7.76
CA ASP A 16 -0.66 -8.74 -7.35
C ASP A 16 -1.95 -8.96 -6.58
N GLY A 1 -1.85 -7.89 -5.59
CA GLY A 1 -2.98 -7.99 -4.69
C GLY A 1 -2.63 -7.61 -3.27
N ILE A 2 -1.33 -7.63 -2.95
CA ILE A 2 -0.87 -7.29 -1.62
C ILE A 2 -1.00 -5.79 -1.35
N CYS A 3 -1.86 -5.44 -0.40
CA CYS A 3 -2.08 -4.03 -0.05
C CYS A 3 -1.41 -3.70 1.27
N PHE A 4 -0.61 -2.63 1.27
CA PHE A 4 0.09 -2.21 2.48
C PHE A 4 0.18 -0.68 2.54
N LYS A 5 -0.31 -0.11 3.63
CA LYS A 5 -0.30 1.33 3.82
C LYS A 5 1.12 1.82 4.13
N ASP A 6 1.39 3.08 3.80
CA ASP A 6 2.70 3.67 4.04
C ASP A 6 2.80 4.23 5.46
N PRO A 7 4.03 4.42 5.94
CA PRO A 7 4.28 4.96 7.28
C PRO A 7 3.89 6.43 7.41
N PHE A 8 3.70 7.08 6.26
CA PHE A 8 3.32 8.49 6.25
C PHE A 8 1.81 8.65 6.29
N GLY A 9 1.10 7.60 5.89
CA GLY A 9 -0.35 7.65 5.90
C GLY A 9 -0.94 7.66 4.50
N SER A 10 -0.13 7.30 3.52
CA SER A 10 -0.56 7.28 2.13
C SER A 10 -1.12 5.90 1.76
N THR A 11 -2.05 5.88 0.80
CA THR A 11 -2.66 4.64 0.35
C THR A 11 -1.96 4.10 -0.88
N LEU A 12 -1.27 2.97 -0.72
CA LEU A 12 -0.56 2.36 -1.84
C LEU A 12 -0.80 0.85 -1.87
N CYS A 13 -0.88 0.29 -3.06
CA CYS A 13 -1.12 -1.14 -3.23
C CYS A 13 -0.13 -1.74 -4.23
N ALA A 14 -0.04 -3.07 -4.24
CA ALA A 14 0.87 -3.76 -5.15
C ALA A 14 0.11 -4.38 -6.32
N PRO A 15 0.83 -4.67 -7.40
CA PRO A 15 0.24 -5.27 -8.61
C PRO A 15 -0.21 -6.72 -8.38
N ASP A 16 0.32 -7.33 -7.33
CA ASP A 16 -0.03 -8.70 -7.01
C ASP A 16 -1.46 -8.80 -6.50
N GLY A 1 -2.09 -8.02 -5.59
CA GLY A 1 -2.98 -8.20 -4.44
C GLY A 1 -2.34 -7.75 -3.14
N ILE A 2 -1.02 -7.64 -3.14
CA ILE A 2 -0.29 -7.23 -1.95
C ILE A 2 -0.54 -5.76 -1.64
N CYS A 3 -1.16 -5.50 -0.48
CA CYS A 3 -1.45 -4.14 -0.06
C CYS A 3 -0.73 -3.79 1.23
N PHE A 4 -0.26 -2.56 1.33
CA PHE A 4 0.46 -2.11 2.53
C PHE A 4 0.34 -0.60 2.69
N LYS A 5 0.01 -0.16 3.90
CA LYS A 5 -0.13 1.26 4.19
C LYS A 5 1.09 1.79 4.94
N ASP A 6 1.62 2.92 4.47
CA ASP A 6 2.79 3.53 5.09
C ASP A 6 2.37 4.43 6.25
N PRO A 7 3.32 4.72 7.15
CA PRO A 7 3.08 5.58 8.31
C PRO A 7 2.86 7.03 7.92
N PHE A 8 3.20 7.37 6.68
CA PHE A 8 3.04 8.74 6.19
C PHE A 8 1.58 9.03 5.87
N GLY A 9 0.81 7.97 5.65
CA GLY A 9 -0.60 8.14 5.34
C GLY A 9 -0.95 7.67 3.94
N SER A 10 -0.02 7.84 3.01
CA SER A 10 -0.23 7.42 1.63
C SER A 10 -0.33 5.90 1.52
N THR A 11 -1.36 5.44 0.83
CA THR A 11 -1.57 4.00 0.65
C THR A 11 -1.04 3.53 -0.69
N LEU A 12 -0.27 2.45 -0.67
CA LEU A 12 0.30 1.89 -1.89
C LEU A 12 -0.06 0.42 -2.06
N CYS A 13 -0.80 0.11 -3.12
CA CYS A 13 -1.22 -1.26 -3.39
C CYS A 13 -0.55 -1.79 -4.66
N ALA A 14 -0.17 -3.06 -4.62
CA ALA A 14 0.47 -3.69 -5.77
C ALA A 14 -0.56 -4.36 -6.68
N PRO A 15 -0.16 -4.61 -7.94
CA PRO A 15 -1.03 -5.25 -8.93
C PRO A 15 -1.30 -6.71 -8.61
N ASP A 16 -0.44 -7.29 -7.77
CA ASP A 16 -0.59 -8.70 -7.39
C ASP A 16 -1.85 -8.91 -6.57
N GLY A 1 -1.99 -7.96 -5.71
CA GLY A 1 -3.14 -8.11 -4.85
C GLY A 1 -2.84 -7.74 -3.41
N ILE A 2 -1.57 -7.72 -3.06
CA ILE A 2 -1.15 -7.38 -1.70
C ILE A 2 -1.11 -5.87 -1.50
N CYS A 3 -1.79 -5.40 -0.46
CA CYS A 3 -1.84 -3.97 -0.15
C CYS A 3 -1.15 -3.69 1.18
N PHE A 4 -0.36 -2.62 1.21
CA PHE A 4 0.36 -2.23 2.42
C PHE A 4 0.25 -0.72 2.65
N LYS A 5 0.02 -0.33 3.90
CA LYS A 5 -0.09 1.08 4.25
C LYS A 5 1.25 1.63 4.72
N ASP A 6 1.62 2.79 4.19
CA ASP A 6 2.87 3.44 4.55
C ASP A 6 2.72 4.27 5.81
N PRO A 7 3.85 4.58 6.47
CA PRO A 7 3.86 5.38 7.70
C PRO A 7 3.50 6.83 7.45
N PHE A 8 3.58 7.25 6.19
CA PHE A 8 3.26 8.62 5.81
C PHE A 8 1.76 8.85 5.81
N GLY A 9 1.00 7.77 5.68
CA GLY A 9 -0.46 7.87 5.66
C GLY A 9 -1.04 7.54 4.31
N SER A 10 -0.28 7.82 3.25
CA SER A 10 -0.74 7.54 1.89
C SER A 10 -1.03 6.05 1.70
N THR A 11 -2.01 5.75 0.85
CA THR A 11 -2.38 4.37 0.58
C THR A 11 -1.64 3.83 -0.64
N LEU A 12 -0.90 2.75 -0.44
CA LEU A 12 -0.14 2.13 -1.51
C LEU A 12 -0.57 0.68 -1.72
N CYS A 13 -0.62 0.26 -2.98
CA CYS A 13 -1.01 -1.11 -3.31
C CYS A 13 -0.14 -1.67 -4.43
N ALA A 14 0.03 -2.99 -4.44
CA ALA A 14 0.84 -3.66 -5.46
C ALA A 14 -0.04 -4.35 -6.50
N PRO A 15 0.54 -4.63 -7.67
CA PRO A 15 -0.17 -5.29 -8.77
C PRO A 15 -0.49 -6.74 -8.45
N ASP A 16 0.17 -7.28 -7.44
CA ASP A 16 -0.04 -8.68 -7.04
C ASP A 16 -1.48 -8.88 -6.56
N GLY A 1 -1.88 -8.08 -5.77
CA GLY A 1 -2.93 -8.26 -4.78
C GLY A 1 -2.52 -7.75 -3.41
N ILE A 2 -1.21 -7.58 -3.21
CA ILE A 2 -0.69 -7.09 -1.94
C ILE A 2 -1.13 -5.66 -1.68
N CYS A 3 -1.48 -5.37 -0.43
CA CYS A 3 -1.92 -4.02 -0.05
C CYS A 3 -1.37 -3.64 1.32
N PHE A 4 -0.64 -2.52 1.36
CA PHE A 4 -0.05 -2.04 2.60
C PHE A 4 -0.14 -0.53 2.69
N LYS A 5 -0.04 0.00 3.91
CA LYS A 5 -0.10 1.44 4.14
C LYS A 5 1.22 1.96 4.70
N ASP A 6 1.65 3.10 4.19
CA ASP A 6 2.90 3.71 4.64
C ASP A 6 2.70 4.46 5.95
N PRO A 7 3.81 4.72 6.66
CA PRO A 7 3.77 5.42 7.95
C PRO A 7 3.43 6.89 7.79
N PHE A 8 3.55 7.40 6.56
CA PHE A 8 3.25 8.80 6.27
C PHE A 8 1.75 9.01 6.13
N GLY A 9 1.03 7.93 5.83
CA GLY A 9 -0.42 8.03 5.68
C GLY A 9 -0.85 7.88 4.23
N SER A 10 0.04 7.33 3.40
CA SER A 10 -0.27 7.15 1.99
C SER A 10 -0.69 5.71 1.72
N THR A 11 -1.72 5.55 0.88
CA THR A 11 -2.23 4.23 0.53
C THR A 11 -1.60 3.72 -0.76
N LEU A 12 -0.96 2.56 -0.69
CA LEU A 12 -0.32 1.97 -1.86
C LEU A 12 -0.60 0.47 -1.92
N CYS A 13 -0.82 -0.03 -3.14
CA CYS A 13 -1.11 -1.44 -3.35
C CYS A 13 -0.39 -1.96 -4.59
N ALA A 14 0.07 -3.21 -4.53
CA ALA A 14 0.77 -3.82 -5.65
C ALA A 14 -0.21 -4.46 -6.62
N PRO A 15 0.24 -4.70 -7.86
CA PRO A 15 -0.58 -5.30 -8.91
C PRO A 15 -0.88 -6.77 -8.64
N ASP A 16 -0.06 -7.39 -7.79
CA ASP A 16 -0.22 -8.79 -7.45
C ASP A 16 -0.88 -8.94 -6.07
N GLY A 1 -1.84 -8.07 -5.66
CA GLY A 1 -2.80 -8.26 -4.60
C GLY A 1 -2.23 -7.95 -3.23
N ILE A 2 -1.11 -7.22 -3.21
CA ILE A 2 -0.47 -6.86 -1.96
C ILE A 2 -0.82 -5.43 -1.56
N CYS A 3 -1.61 -5.30 -0.48
CA CYS A 3 -2.02 -3.99 0.01
C CYS A 3 -1.36 -3.69 1.35
N PHE A 4 -0.64 -2.57 1.41
CA PHE A 4 0.03 -2.17 2.64
C PHE A 4 0.05 -0.65 2.77
N LYS A 5 -0.31 -0.17 3.96
CA LYS A 5 -0.33 1.28 4.23
C LYS A 5 1.02 1.76 4.75
N ASP A 6 1.44 2.93 4.28
CA ASP A 6 2.71 3.51 4.70
C ASP A 6 2.54 4.36 5.95
N PRO A 7 3.65 4.61 6.65
CA PRO A 7 3.65 5.41 7.88
C PRO A 7 3.37 6.89 7.61
N PHE A 8 3.52 7.29 6.35
CA PHE A 8 3.29 8.67 5.95
C PHE A 8 1.80 8.97 5.88
N GLY A 9 0.99 7.93 5.72
CA GLY A 9 -0.45 8.09 5.63
C GLY A 9 -1.00 7.71 4.28
N SER A 10 -0.14 7.71 3.27
CA SER A 10 -0.55 7.36 1.91
C SER A 10 -0.68 5.84 1.76
N THR A 11 -1.58 5.43 0.88
CA THR A 11 -1.81 4.00 0.64
C THR A 11 -1.14 3.54 -0.65
N LEU A 12 -0.44 2.42 -0.59
CA LEU A 12 0.24 1.88 -1.75
C LEU A 12 -0.12 0.41 -1.97
N CYS A 13 -0.80 0.12 -3.07
CA CYS A 13 -1.20 -1.24 -3.38
C CYS A 13 -0.49 -1.75 -4.63
N ALA A 14 -0.16 -3.03 -4.63
CA ALA A 14 0.54 -3.64 -5.77
C ALA A 14 -0.44 -4.38 -6.68
N PRO A 15 -0.02 -4.62 -7.93
CA PRO A 15 -0.84 -5.31 -8.92
C PRO A 15 -1.03 -6.79 -8.59
N ASP A 16 -0.13 -7.32 -7.76
CA ASP A 16 -0.20 -8.73 -7.37
C ASP A 16 -0.79 -8.87 -5.97
N GLY A 1 -1.87 -7.89 -5.77
CA GLY A 1 -3.00 -7.94 -4.85
C GLY A 1 -2.58 -7.75 -3.41
N ILE A 2 -1.38 -7.22 -3.21
CA ILE A 2 -0.87 -6.99 -1.86
C ILE A 2 -1.04 -5.53 -1.45
N CYS A 3 -1.91 -5.30 -0.47
CA CYS A 3 -2.17 -3.96 0.02
C CYS A 3 -1.46 -3.71 1.34
N PHE A 4 -0.76 -2.57 1.43
CA PHE A 4 -0.04 -2.22 2.64
C PHE A 4 -0.08 -0.71 2.88
N LYS A 5 -0.23 -0.32 4.14
CA LYS A 5 -0.29 1.09 4.50
C LYS A 5 1.11 1.63 4.78
N ASP A 6 1.47 2.69 4.07
CA ASP A 6 2.78 3.31 4.23
C ASP A 6 2.86 4.08 5.55
N PRO A 7 4.09 4.34 6.01
CA PRO A 7 4.33 5.07 7.26
C PRO A 7 3.94 6.55 7.16
N PHE A 8 3.76 7.02 5.93
CA PHE A 8 3.38 8.41 5.69
C PHE A 8 1.88 8.59 5.82
N GLY A 9 1.13 7.50 5.67
CA GLY A 9 -0.31 7.57 5.76
C GLY A 9 -1.00 7.38 4.42
N SER A 10 -0.26 7.63 3.34
CA SER A 10 -0.81 7.50 2.00
C SER A 10 -1.26 6.07 1.74
N THR A 11 -2.14 5.90 0.75
CA THR A 11 -2.66 4.59 0.41
C THR A 11 -2.00 4.05 -0.86
N LEU A 12 -1.21 2.99 -0.70
CA LEU A 12 -0.52 2.37 -1.82
C LEU A 12 -0.75 0.86 -1.85
N CYS A 13 -0.82 0.30 -3.04
CA CYS A 13 -1.04 -1.13 -3.21
C CYS A 13 -0.10 -1.70 -4.26
N ALA A 14 0.01 -3.03 -4.29
CA ALA A 14 0.89 -3.71 -5.24
C ALA A 14 0.08 -4.35 -6.36
N PRO A 15 0.75 -4.63 -7.49
CA PRO A 15 0.11 -5.25 -8.65
C PRO A 15 -0.28 -6.70 -8.41
N ASP A 16 0.34 -7.31 -7.40
CA ASP A 16 0.06 -8.69 -7.05
C ASP A 16 -0.84 -8.78 -5.83
#